data_8CCJ
#
_entry.id   8CCJ
#
_cell.length_a   67.920
_cell.length_b   67.920
_cell.length_c   154.990
_cell.angle_alpha   90.000
_cell.angle_beta   90.000
_cell.angle_gamma   120.000
#
_symmetry.space_group_name_H-M   'P 31 2 1'
#
loop_
_entity.id
_entity.type
_entity.pdbx_description
1 polymer 'Thioredoxin reductase'
2 non-polymer 'FLAVIN-ADENINE DINUCLEOTIDE'
3 non-polymer 'NADP NICOTINAMIDE-ADENINE-DINUCLEOTIDE PHOSPHATE'
4 non-polymer GLYCEROL
5 non-polymer 'DIMETHYL SULFOXIDE'
6 non-polymer 'MAGNESIUM ION'
7 water water
#
_entity_poly.entity_id   1
_entity_poly.type   'polypeptide(L)'
_entity_poly.pdbx_seq_one_letter_code
;MAHHHHHHMSTSQTVHDVIIIGSGPAGYTAAIYAARAQLKPLVFEGTQFGGALMTTTEVENYPGFREGITGPELMDQMRE
QALRFGADLRMEDVDAVQLEGPVKTVVVGDETHQARAVILAMGAAARHLGVPGEEALTGMGVSTCATCDGFFFRDQDIVV
VGGGDSAMEEATFLTRFARSVTLIHRRDEFRASKIMLERARANEKITFLTNTEITQIEGDPKVTGVRLRDTVTGEESKLD
VTGVFVAIGHDPRSELVRGQVELDDEGYVKVQGRTTYTSLDGVFAAGDLVDHTYRQAITAAGSGCAASIDAERWLAEQD
;
_entity_poly.pdbx_strand_id   A
#
loop_
_chem_comp.id
_chem_comp.type
_chem_comp.name
_chem_comp.formula
DMS non-polymer 'DIMETHYL SULFOXIDE' 'C2 H6 O S'
FAD non-polymer 'FLAVIN-ADENINE DINUCLEOTIDE' 'C27 H33 N9 O15 P2'
GOL non-polymer GLYCEROL 'C3 H8 O3'
MG non-polymer 'MAGNESIUM ION' 'Mg 2'
NAP non-polymer 'NADP NICOTINAMIDE-ADENINE-DINUCLEOTIDE PHOSPHATE' 'C21 H28 N7 O17 P3'
#
# COMPACT_ATOMS: atom_id res chain seq x y z
N THR A 14 -13.39 -21.67 -21.39
CA THR A 14 -13.89 -21.54 -20.02
C THR A 14 -13.88 -20.09 -19.54
N VAL A 15 -15.06 -19.53 -19.28
CA VAL A 15 -15.18 -18.16 -18.81
C VAL A 15 -15.61 -18.20 -17.34
N HIS A 16 -14.75 -17.69 -16.48
CA HIS A 16 -15.03 -17.69 -15.05
CA HIS A 16 -15.05 -17.70 -15.05
C HIS A 16 -16.04 -16.58 -14.72
N ASP A 17 -16.71 -16.74 -13.59
CA ASP A 17 -17.57 -15.67 -13.11
C ASP A 17 -16.75 -14.43 -12.77
N VAL A 18 -15.66 -14.61 -12.02
CA VAL A 18 -14.87 -13.44 -11.58
C VAL A 18 -13.40 -13.81 -11.51
N ILE A 19 -12.56 -12.87 -11.96
CA ILE A 19 -11.12 -12.92 -11.74
C ILE A 19 -10.76 -11.77 -10.82
N ILE A 20 -9.94 -12.06 -9.81
CA ILE A 20 -9.40 -11.06 -8.90
C ILE A 20 -7.91 -10.91 -9.20
N ILE A 21 -7.45 -9.67 -9.35
CA ILE A 21 -6.03 -9.40 -9.59
C ILE A 21 -5.47 -8.76 -8.32
N GLY A 22 -4.70 -9.53 -7.55
CA GLY A 22 -4.02 -9.00 -6.39
C GLY A 22 -4.29 -9.82 -5.15
N SER A 23 -3.34 -9.81 -4.22
CA SER A 23 -3.41 -10.70 -3.06
C SER A 23 -3.06 -10.00 -1.75
N GLY A 24 -3.38 -8.72 -1.63
CA GLY A 24 -3.33 -8.06 -0.35
C GLY A 24 -4.65 -8.29 0.37
N PRO A 25 -4.92 -7.52 1.43
CA PRO A 25 -6.20 -7.67 2.13
C PRO A 25 -7.41 -7.44 1.22
N ALA A 26 -7.33 -6.51 0.27
CA ALA A 26 -8.49 -6.32 -0.60
C ALA A 26 -8.75 -7.56 -1.45
N GLY A 27 -7.73 -8.06 -2.15
CA GLY A 27 -7.92 -9.20 -3.02
C GLY A 27 -8.33 -10.47 -2.26
N TYR A 28 -7.72 -10.73 -1.11
CA TYR A 28 -8.09 -11.95 -0.39
C TYR A 28 -9.48 -11.84 0.21
N THR A 29 -9.88 -10.64 0.68
CA THR A 29 -11.25 -10.54 1.23
C THR A 29 -12.27 -10.67 0.11
N ALA A 30 -11.98 -10.07 -1.06
CA ALA A 30 -12.84 -10.31 -2.21
C ALA A 30 -12.91 -11.80 -2.52
N ALA A 31 -11.77 -12.49 -2.47
CA ALA A 31 -11.75 -13.92 -2.79
C ALA A 31 -12.57 -14.72 -1.80
N ILE A 32 -12.45 -14.41 -0.51
CA ILE A 32 -13.22 -15.13 0.51
C ILE A 32 -14.72 -14.98 0.24
N TYR A 33 -15.17 -13.74 0.01
CA TYR A 33 -16.60 -13.52 -0.20
C TYR A 33 -17.06 -14.16 -1.50
N ALA A 34 -16.29 -14.00 -2.58
CA ALA A 34 -16.69 -14.59 -3.86
C ALA A 34 -16.71 -16.10 -3.79
N ALA A 35 -15.73 -16.70 -3.12
CA ALA A 35 -15.72 -18.16 -3.01
C ALA A 35 -16.88 -18.64 -2.16
N ARG A 36 -17.11 -17.99 -1.02
CA ARG A 36 -18.24 -18.39 -0.19
C ARG A 36 -19.56 -18.18 -0.91
N ALA A 37 -19.63 -17.23 -1.86
CA ALA A 37 -20.82 -17.05 -2.68
C ALA A 37 -20.90 -18.03 -3.85
N GLN A 38 -20.00 -19.01 -3.91
CA GLN A 38 -19.98 -20.06 -4.92
C GLN A 38 -19.64 -19.53 -6.32
N LEU A 39 -18.88 -18.44 -6.41
CA LEU A 39 -18.49 -17.92 -7.72
C LEU A 39 -17.19 -18.51 -8.24
N LYS A 40 -16.54 -19.38 -7.47
CA LYS A 40 -15.28 -20.00 -7.87
C LYS A 40 -14.28 -18.96 -8.39
N PRO A 41 -13.88 -18.01 -7.56
CA PRO A 41 -13.01 -16.94 -8.06
C PRO A 41 -11.63 -17.46 -8.42
N LEU A 42 -11.11 -16.95 -9.54
CA LEU A 42 -9.75 -17.21 -9.98
C LEU A 42 -8.92 -16.00 -9.58
N VAL A 43 -7.92 -16.20 -8.73
CA VAL A 43 -7.18 -15.09 -8.13
C VAL A 43 -5.74 -15.16 -8.58
N PHE A 44 -5.23 -14.08 -9.19
CA PHE A 44 -3.82 -13.99 -9.53
C PHE A 44 -3.15 -13.17 -8.43
N GLU A 45 -2.32 -13.85 -7.63
CA GLU A 45 -1.73 -13.26 -6.44
C GLU A 45 -0.48 -12.44 -6.71
N GLY A 46 0.18 -12.67 -7.85
CA GLY A 46 1.51 -12.14 -8.06
C GLY A 46 2.58 -13.07 -7.51
N THR A 47 3.81 -12.91 -8.02
CA THR A 47 4.91 -13.64 -7.42
C THR A 47 5.34 -13.00 -6.11
N GLN A 48 5.14 -11.69 -5.96
CA GLN A 48 5.33 -11.02 -4.68
C GLN A 48 3.99 -10.91 -3.96
N PHE A 49 3.44 -12.07 -3.62
CA PHE A 49 2.08 -12.17 -3.16
C PHE A 49 1.95 -11.77 -1.70
N GLY A 50 0.70 -11.56 -1.28
CA GLY A 50 0.40 -11.30 0.11
C GLY A 50 0.30 -9.83 0.45
N GLY A 51 0.53 -8.93 -0.51
CA GLY A 51 0.38 -7.51 -0.26
C GLY A 51 1.46 -6.92 0.64
N ALA A 52 1.20 -5.68 1.08
CA ALA A 52 2.21 -4.90 1.77
C ALA A 52 2.54 -5.44 3.14
N LEU A 53 1.58 -6.11 3.81
CA LEU A 53 1.84 -6.66 5.13
C LEU A 53 2.82 -7.82 5.09
N MET A 54 3.00 -8.44 3.93
CA MET A 54 3.92 -9.56 3.89
C MET A 54 5.34 -9.04 4.20
N THR A 55 5.57 -7.72 4.06
CA THR A 55 6.88 -7.09 4.18
C THR A 55 7.09 -6.36 5.50
N THR A 56 6.12 -6.37 6.41
CA THR A 56 6.25 -5.77 7.75
C THR A 56 6.41 -6.85 8.82
N THR A 57 6.57 -6.39 10.07
CA THR A 57 6.61 -7.33 11.16
C THR A 57 5.26 -7.26 11.85
N GLU A 58 5.22 -6.66 13.03
CA GLU A 58 4.03 -6.71 13.88
C GLU A 58 2.90 -5.83 13.35
N VAL A 59 1.70 -6.39 13.25
CA VAL A 59 0.48 -5.66 12.88
C VAL A 59 -0.42 -5.62 14.13
N GLU A 60 -0.62 -4.43 14.69
CA GLU A 60 -1.35 -4.36 15.95
C GLU A 60 -2.68 -3.63 15.85
N ASN A 61 -2.98 -2.97 14.74
CA ASN A 61 -4.22 -2.20 14.62
C ASN A 61 -5.23 -2.87 13.71
N TYR A 62 -5.01 -4.13 13.33
CA TYR A 62 -6.01 -4.86 12.57
C TYR A 62 -6.96 -5.48 13.57
N PRO A 63 -8.23 -5.08 13.61
CA PRO A 63 -9.11 -5.49 14.71
C PRO A 63 -9.39 -6.99 14.68
N GLY A 64 -9.32 -7.60 15.86
CA GLY A 64 -9.52 -9.03 16.00
C GLY A 64 -8.36 -9.78 16.64
N PHE A 65 -7.26 -9.11 17.00
CA PHE A 65 -6.06 -9.75 17.54
C PHE A 65 -5.61 -8.93 18.75
N ARG A 66 -6.08 -9.30 19.93
N ARG A 66 -6.07 -9.30 19.94
CA ARG A 66 -5.83 -8.49 21.13
CA ARG A 66 -5.83 -8.48 21.13
C ARG A 66 -4.34 -8.33 21.41
C ARG A 66 -4.34 -8.33 21.42
N GLU A 67 -3.52 -9.29 20.99
CA GLU A 67 -2.07 -9.25 21.21
C GLU A 67 -1.30 -9.01 19.92
N GLY A 68 -1.98 -8.73 18.82
CA GLY A 68 -1.31 -8.51 17.56
C GLY A 68 -1.04 -9.81 16.82
N ILE A 69 -0.45 -9.65 15.64
CA ILE A 69 -0.14 -10.75 14.74
C ILE A 69 0.87 -10.22 13.74
N THR A 70 1.78 -11.08 13.27
CA THR A 70 2.72 -10.57 12.29
C THR A 70 2.03 -10.43 10.94
N GLY A 71 2.60 -9.60 10.08
CA GLY A 71 2.04 -9.39 8.77
C GLY A 71 1.91 -10.68 7.99
N PRO A 72 3.00 -11.45 7.87
CA PRO A 72 2.89 -12.74 7.15
C PRO A 72 1.92 -13.72 7.80
N GLU A 73 1.84 -13.74 9.14
CA GLU A 73 0.85 -14.61 9.79
C GLU A 73 -0.57 -14.22 9.41
N LEU A 74 -0.87 -12.93 9.44
CA LEU A 74 -2.21 -12.49 9.09
C LEU A 74 -2.53 -12.80 7.64
N MET A 75 -1.58 -12.57 6.73
CA MET A 75 -1.86 -12.79 5.33
C MET A 75 -1.99 -14.28 5.04
N ASP A 76 -1.26 -15.13 5.76
CA ASP A 76 -1.44 -16.56 5.55
C ASP A 76 -2.83 -17.02 6.03
N GLN A 77 -3.32 -16.46 7.14
CA GLN A 77 -4.69 -16.77 7.56
C GLN A 77 -5.67 -16.43 6.44
N MET A 78 -5.57 -15.20 5.93
CA MET A 78 -6.39 -14.71 4.82
C MET A 78 -6.35 -15.66 3.62
N ARG A 79 -5.13 -16.04 3.22
CA ARG A 79 -4.95 -16.91 2.06
C ARG A 79 -5.58 -18.28 2.29
N GLU A 80 -5.32 -18.90 3.44
CA GLU A 80 -5.90 -20.21 3.74
C GLU A 80 -7.42 -20.13 3.86
N GLN A 81 -7.93 -19.01 4.35
CA GLN A 81 -9.38 -18.79 4.42
C GLN A 81 -9.99 -18.78 3.03
N ALA A 82 -9.35 -18.06 2.10
CA ALA A 82 -9.85 -18.04 0.73
C ALA A 82 -9.81 -19.44 0.12
N LEU A 83 -8.71 -20.16 0.36
CA LEU A 83 -8.59 -21.53 -0.13
C LEU A 83 -9.69 -22.42 0.43
N ARG A 84 -9.99 -22.28 1.72
CA ARG A 84 -10.97 -23.16 2.36
C ARG A 84 -12.32 -23.10 1.67
N PHE A 85 -12.71 -21.92 1.19
CA PHE A 85 -14.01 -21.77 0.55
C PHE A 85 -13.99 -22.01 -0.95
N GLY A 86 -12.85 -22.37 -1.52
CA GLY A 86 -12.81 -22.78 -2.91
C GLY A 86 -12.14 -21.82 -3.87
N ALA A 87 -11.48 -20.77 -3.40
CA ALA A 87 -10.79 -19.88 -4.32
C ALA A 87 -9.65 -20.61 -5.02
N ASP A 88 -9.48 -20.32 -6.30
CA ASP A 88 -8.39 -20.89 -7.10
C ASP A 88 -7.29 -19.82 -7.12
N LEU A 89 -6.23 -20.03 -6.34
CA LEU A 89 -5.18 -19.04 -6.16
C LEU A 89 -3.98 -19.40 -7.03
N ARG A 90 -3.48 -18.42 -7.79
CA ARG A 90 -2.33 -18.63 -8.67
C ARG A 90 -1.27 -17.59 -8.32
N MET A 91 -0.10 -18.06 -7.94
CA MET A 91 1.03 -17.19 -7.56
C MET A 91 1.76 -16.70 -8.81
N GLU A 92 1.04 -15.93 -9.62
CA GLU A 92 1.49 -15.47 -10.92
C GLU A 92 1.05 -14.03 -11.13
N ASP A 93 1.84 -13.29 -11.90
CA ASP A 93 1.53 -11.90 -12.21
C ASP A 93 0.68 -11.81 -13.46
N VAL A 94 -0.31 -10.93 -13.43
CA VAL A 94 -1.03 -10.58 -14.64
C VAL A 94 -0.20 -9.54 -15.40
N ASP A 95 0.09 -9.84 -16.67
CA ASP A 95 0.93 -8.97 -17.47
C ASP A 95 0.14 -8.04 -18.37
N ALA A 96 -1.11 -8.36 -18.69
CA ALA A 96 -1.90 -7.50 -19.55
C ALA A 96 -3.36 -7.90 -19.36
N VAL A 97 -4.25 -6.95 -19.58
CA VAL A 97 -5.68 -7.21 -19.47
C VAL A 97 -6.41 -6.58 -20.65
N GLN A 98 -7.55 -7.17 -20.97
CA GLN A 98 -8.53 -6.60 -21.88
C GLN A 98 -9.84 -6.59 -21.09
N LEU A 99 -10.28 -5.42 -20.63
CA LEU A 99 -11.36 -5.33 -19.66
C LEU A 99 -12.68 -4.88 -20.24
N GLU A 100 -12.72 -4.48 -21.50
CA GLU A 100 -13.94 -3.97 -22.10
C GLU A 100 -14.74 -5.11 -22.71
N GLY A 101 -16.04 -5.13 -22.43
CA GLY A 101 -16.90 -6.09 -23.06
C GLY A 101 -17.39 -7.17 -22.11
N PRO A 102 -18.28 -8.02 -22.61
CA PRO A 102 -18.89 -9.05 -21.74
C PRO A 102 -17.92 -10.12 -21.29
N VAL A 103 -16.83 -10.35 -22.01
CA VAL A 103 -15.81 -11.32 -21.63
C VAL A 103 -14.47 -10.60 -21.55
N LYS A 104 -13.91 -10.56 -20.34
CA LYS A 104 -12.65 -9.91 -20.04
C LYS A 104 -11.54 -10.95 -20.09
N THR A 105 -10.35 -10.53 -20.51
CA THR A 105 -9.21 -11.45 -20.61
C THR A 105 -8.06 -10.93 -19.77
N VAL A 106 -7.39 -11.83 -19.06
CA VAL A 106 -6.10 -11.49 -18.48
C VAL A 106 -5.05 -12.37 -19.12
N VAL A 107 -3.86 -11.79 -19.33
CA VAL A 107 -2.74 -12.53 -19.89
C VAL A 107 -1.69 -12.68 -18.82
N VAL A 108 -1.27 -13.92 -18.58
CA VAL A 108 -0.29 -14.27 -17.56
C VAL A 108 0.84 -15.00 -18.27
N GLY A 109 1.92 -14.28 -18.58
CA GLY A 109 2.99 -14.88 -19.38
C GLY A 109 2.42 -15.22 -20.75
N ASP A 110 2.41 -16.51 -21.10
CA ASP A 110 1.83 -16.95 -22.37
C ASP A 110 0.48 -17.66 -22.19
N GLU A 111 -0.16 -17.48 -21.04
CA GLU A 111 -1.44 -18.10 -20.76
C GLU A 111 -2.51 -17.01 -20.65
N THR A 112 -3.72 -17.36 -21.06
CA THR A 112 -4.84 -16.42 -21.02
C THR A 112 -5.96 -17.01 -20.16
N HIS A 113 -6.66 -16.14 -19.46
CA HIS A 113 -7.81 -16.52 -18.64
C HIS A 113 -8.89 -15.46 -18.81
N GLN A 114 -10.16 -15.89 -18.73
CA GLN A 114 -11.27 -15.02 -19.05
C GLN A 114 -12.33 -15.07 -17.95
N ALA A 115 -13.10 -14.00 -17.85
CA ALA A 115 -14.12 -13.92 -16.81
C ALA A 115 -15.16 -12.88 -17.20
N ARG A 116 -16.35 -13.02 -16.59
CA ARG A 116 -17.41 -12.05 -16.83
CA ARG A 116 -17.42 -12.05 -16.81
C ARG A 116 -17.20 -10.79 -15.99
N ALA A 117 -16.59 -10.91 -14.81
CA ALA A 117 -16.31 -9.79 -13.93
C ALA A 117 -14.87 -9.84 -13.51
N VAL A 118 -14.27 -8.67 -13.30
CA VAL A 118 -12.90 -8.55 -12.83
C VAL A 118 -12.86 -7.60 -11.65
N ILE A 119 -12.19 -8.00 -10.57
CA ILE A 119 -11.99 -7.16 -9.40
C ILE A 119 -10.51 -6.77 -9.37
N LEU A 120 -10.23 -5.47 -9.48
CA LEU A 120 -8.87 -4.95 -9.48
C LEU A 120 -8.45 -4.68 -8.04
N ALA A 121 -7.41 -5.35 -7.57
CA ALA A 121 -6.98 -5.17 -6.18
C ALA A 121 -5.46 -5.10 -6.13
N MET A 122 -4.88 -4.31 -7.03
CA MET A 122 -3.45 -4.38 -7.31
C MET A 122 -2.67 -3.55 -6.30
N GLY A 123 -3.37 -2.73 -5.50
CA GLY A 123 -2.74 -1.97 -4.45
C GLY A 123 -2.02 -0.74 -4.97
N ALA A 124 -1.22 -0.19 -4.08
CA ALA A 124 -0.32 0.91 -4.39
C ALA A 124 1.02 0.59 -3.77
N ALA A 125 2.10 0.95 -4.48
CA ALA A 125 3.43 0.80 -3.93
C ALA A 125 3.79 2.07 -3.17
N ALA A 126 4.29 1.91 -1.95
CA ALA A 126 4.95 3.02 -1.29
C ALA A 126 6.28 3.29 -2.00
N ARG A 127 6.53 4.56 -2.34
CA ARG A 127 7.76 4.90 -3.04
C ARG A 127 8.96 4.69 -2.12
N HIS A 128 10.05 4.16 -2.69
CA HIS A 128 11.25 3.83 -1.94
C HIS A 128 12.37 4.81 -2.22
N LEU A 129 13.20 5.03 -1.20
CA LEU A 129 14.41 5.81 -1.41
C LEU A 129 15.35 5.11 -2.37
N GLY A 130 15.41 3.79 -2.32
CA GLY A 130 16.36 3.04 -3.13
C GLY A 130 17.79 3.10 -2.63
N VAL A 131 18.01 3.15 -1.32
CA VAL A 131 19.37 3.25 -0.79
C VAL A 131 19.71 1.99 -0.01
N PRO A 132 21.01 1.66 0.12
CA PRO A 132 21.40 0.51 0.93
C PRO A 132 20.85 0.60 2.35
N GLY A 133 20.43 -0.53 2.89
CA GLY A 133 19.87 -0.62 4.21
C GLY A 133 18.37 -0.46 4.28
N GLU A 134 17.76 0.18 3.28
CA GLU A 134 16.34 0.51 3.36
C GLU A 134 15.48 -0.74 3.41
N GLU A 135 15.68 -1.65 2.45
CA GLU A 135 14.87 -2.87 2.42
C GLU A 135 15.20 -3.78 3.59
N ALA A 136 16.50 -3.93 3.89
CA ALA A 136 16.92 -4.85 4.95
C ALA A 136 16.36 -4.46 6.31
N LEU A 137 16.15 -3.17 6.54
CA LEU A 137 15.75 -2.68 7.85
C LEU A 137 14.27 -2.30 7.91
N THR A 138 13.49 -2.65 6.89
CA THR A 138 12.05 -2.48 6.95
C THR A 138 11.46 -3.40 8.01
N GLY A 139 10.64 -2.83 8.90
CA GLY A 139 10.19 -3.53 10.08
C GLY A 139 11.21 -3.59 11.19
N MET A 140 12.41 -3.04 10.99
CA MET A 140 13.50 -3.03 11.94
C MET A 140 13.98 -1.60 12.19
N GLY A 141 13.08 -0.63 12.06
CA GLY A 141 13.42 0.77 12.20
C GLY A 141 13.09 1.63 11.00
N VAL A 142 12.99 1.04 9.80
CA VAL A 142 12.53 1.74 8.61
C VAL A 142 11.05 1.47 8.45
N SER A 143 10.26 2.51 8.31
CA SER A 143 8.82 2.34 8.18
C SER A 143 8.32 3.29 7.11
N THR A 144 7.13 2.97 6.62
CA THR A 144 6.44 3.76 5.61
C THR A 144 5.14 4.35 6.13
N CYS A 145 4.86 4.21 7.42
CA CYS A 145 3.50 4.42 7.91
C CYS A 145 3.56 4.77 9.39
N ALA A 146 3.43 6.06 9.70
CA ALA A 146 3.42 6.50 11.09
C ALA A 146 2.23 5.93 11.84
N THR A 147 1.07 5.88 11.19
CA THR A 147 -0.11 5.31 11.84
C THR A 147 0.15 3.86 12.24
N CYS A 148 0.87 3.12 11.39
CA CYS A 148 1.12 1.71 11.67
C CYS A 148 2.16 1.54 12.77
N ASP A 149 3.34 2.15 12.61
CA ASP A 149 4.50 1.83 13.43
C ASP A 149 4.97 2.95 14.36
N GLY A 150 4.42 4.17 14.24
CA GLY A 150 4.90 5.28 15.04
C GLY A 150 4.92 4.98 16.52
N PHE A 151 3.96 4.18 16.98
CA PHE A 151 3.85 3.73 18.36
C PHE A 151 5.17 3.21 18.92
N PHE A 152 5.97 2.56 18.08
CA PHE A 152 7.13 1.80 18.52
C PHE A 152 8.38 2.65 18.72
N PHE A 153 8.32 3.96 18.48
CA PHE A 153 9.50 4.81 18.56
C PHE A 153 9.40 5.83 19.69
N ARG A 154 8.70 5.47 20.77
CA ARG A 154 8.56 6.38 21.89
C ARG A 154 9.92 6.79 22.44
N ASP A 155 10.08 8.12 22.61
CA ASP A 155 11.29 8.74 23.16
C ASP A 155 12.54 8.47 22.32
N GLN A 156 12.38 8.22 21.03
CA GLN A 156 13.55 8.00 20.17
C GLN A 156 13.72 9.19 19.22
N ASP A 157 14.94 9.33 18.70
CA ASP A 157 15.25 10.29 17.66
C ASP A 157 15.09 9.61 16.30
N ILE A 158 14.19 10.14 15.47
CA ILE A 158 13.87 9.53 14.19
C ILE A 158 13.94 10.58 13.10
N VAL A 159 13.91 10.12 11.84
CA VAL A 159 13.79 11.01 10.69
C VAL A 159 12.52 10.67 9.93
N VAL A 160 12.00 11.68 9.24
CA VAL A 160 10.97 11.54 8.22
C VAL A 160 11.54 12.12 6.93
N VAL A 161 11.33 11.43 5.81
CA VAL A 161 11.85 11.85 4.51
C VAL A 161 10.68 12.25 3.62
N GLY A 162 10.76 13.45 3.06
CA GLY A 162 9.79 13.92 2.09
C GLY A 162 9.48 15.39 2.30
N GLY A 163 8.90 16.01 1.27
CA GLY A 163 8.51 17.40 1.35
C GLY A 163 7.06 17.69 1.00
N GLY A 164 6.18 16.69 1.11
CA GLY A 164 4.77 16.86 0.82
C GLY A 164 3.91 16.73 2.06
N ASP A 165 2.59 16.71 1.83
CA ASP A 165 1.66 16.66 2.95
C ASP A 165 1.82 15.38 3.79
N SER A 166 2.10 14.24 3.14
CA SER A 166 2.36 13.03 3.91
C SER A 166 3.52 13.22 4.88
N ALA A 167 4.66 13.68 4.37
CA ALA A 167 5.81 13.89 5.23
C ALA A 167 5.46 14.85 6.38
N MET A 168 4.75 15.94 6.08
CA MET A 168 4.38 16.87 7.13
C MET A 168 3.43 16.22 8.12
N GLU A 169 2.44 15.48 7.61
CA GLU A 169 1.50 14.80 8.51
C GLU A 169 2.19 13.74 9.33
N GLU A 170 3.05 12.94 8.69
CA GLU A 170 3.74 11.87 9.40
C GLU A 170 4.64 12.45 10.49
N ALA A 171 5.41 13.49 10.14
CA ALA A 171 6.32 14.11 11.09
C ALA A 171 5.57 14.69 12.29
N THR A 172 4.52 15.47 12.05
CA THR A 172 3.81 16.10 13.16
C THR A 172 3.11 15.05 14.03
N PHE A 173 2.48 14.05 13.41
CA PHE A 173 1.87 12.95 14.16
C PHE A 173 2.89 12.24 15.02
N LEU A 174 4.09 12.01 14.50
CA LEU A 174 5.09 11.20 15.18
C LEU A 174 5.64 11.86 16.43
N THR A 175 5.54 13.18 16.56
CA THR A 175 6.09 13.85 17.73
C THR A 175 5.32 13.53 19.03
N ARG A 176 4.14 12.92 18.93
CA ARG A 176 3.48 12.47 20.15
C ARG A 176 4.17 11.23 20.74
N PHE A 177 5.05 10.60 19.98
CA PHE A 177 5.84 9.46 20.43
C PHE A 177 7.32 9.80 20.55
N ALA A 178 7.91 10.31 19.47
CA ALA A 178 9.36 10.45 19.37
C ALA A 178 9.89 11.55 20.28
N ARG A 179 11.15 11.38 20.70
CA ARG A 179 11.88 12.46 21.37
C ARG A 179 12.14 13.62 20.41
N SER A 180 12.50 13.32 19.17
CA SER A 180 12.71 14.34 18.17
C SER A 180 12.45 13.76 16.79
N VAL A 181 12.05 14.62 15.86
CA VAL A 181 11.83 14.24 14.47
C VAL A 181 12.65 15.20 13.59
N THR A 182 13.56 14.63 12.79
CA THR A 182 14.29 15.39 11.79
C THR A 182 13.66 15.15 10.43
N LEU A 183 13.09 16.20 9.85
CA LEU A 183 12.41 16.11 8.56
CA LEU A 183 12.42 16.10 8.56
C LEU A 183 13.42 16.42 7.45
N ILE A 184 13.69 15.44 6.60
CA ILE A 184 14.74 15.56 5.58
C ILE A 184 14.07 15.68 4.22
N HIS A 185 14.44 16.71 3.47
CA HIS A 185 13.88 16.98 2.14
C HIS A 185 15.00 17.38 1.18
N ARG A 186 14.93 16.85 -0.05
CA ARG A 186 16.00 16.98 -1.03
C ARG A 186 16.08 18.36 -1.69
N ARG A 187 15.16 19.27 -1.42
CA ARG A 187 15.22 20.64 -1.91
C ARG A 187 14.91 21.59 -0.76
N ASP A 188 14.83 22.89 -1.07
CA ASP A 188 14.50 23.89 -0.07
C ASP A 188 13.09 24.46 -0.29
N GLU A 189 12.32 23.85 -1.18
CA GLU A 189 10.94 24.22 -1.41
C GLU A 189 10.08 22.96 -1.27
N PHE A 190 8.86 23.15 -0.76
CA PHE A 190 8.03 22.03 -0.34
C PHE A 190 6.77 21.93 -1.18
N ARG A 191 6.36 20.69 -1.46
CA ARG A 191 5.09 20.41 -2.11
C ARG A 191 3.92 20.48 -1.15
N ALA A 192 4.18 20.45 0.15
CA ALA A 192 3.12 20.48 1.15
C ALA A 192 2.34 21.78 1.07
N SER A 193 1.08 21.71 1.48
CA SER A 193 0.26 22.91 1.62
C SER A 193 0.87 23.83 2.67
N LYS A 194 0.50 25.12 2.58
CA LYS A 194 1.01 26.08 3.55
C LYS A 194 0.61 25.69 4.97
N ILE A 195 -0.63 25.22 5.15
CA ILE A 195 -1.11 24.80 6.47
C ILE A 195 -0.24 23.67 7.02
N MET A 196 -0.04 22.61 6.22
CA MET A 196 0.78 21.49 6.67
C MET A 196 2.22 21.92 6.94
N LEU A 197 2.80 22.73 6.04
CA LEU A 197 4.16 23.20 6.26
C LEU A 197 4.24 24.03 7.53
N GLU A 198 3.26 24.90 7.77
CA GLU A 198 3.32 25.76 8.94
C GLU A 198 3.05 24.98 10.23
N ARG A 199 2.23 23.94 10.18
CA ARG A 199 2.07 23.07 11.34
C ARG A 199 3.40 22.42 11.73
N ALA A 200 4.16 21.92 10.74
CA ALA A 200 5.42 21.29 11.07
C ALA A 200 6.43 22.31 11.58
N ARG A 201 6.41 23.52 11.02
CA ARG A 201 7.34 24.56 11.46
C ARG A 201 7.06 24.98 12.89
N ALA A 202 5.78 25.03 13.27
CA ALA A 202 5.41 25.41 14.62
C ALA A 202 5.76 24.34 15.66
N ASN A 203 5.96 23.10 15.23
CA ASN A 203 6.18 21.99 16.15
C ASN A 203 7.60 22.02 16.72
N GLU A 204 7.70 22.13 18.05
CA GLU A 204 8.99 22.29 18.70
C GLU A 204 9.86 21.04 18.59
N LYS A 205 9.29 19.87 18.31
CA LYS A 205 10.08 18.65 18.22
C LYS A 205 10.58 18.34 16.82
N ILE A 206 10.26 19.17 15.83
CA ILE A 206 10.64 18.92 14.43
C ILE A 206 11.75 19.87 14.05
N THR A 207 12.84 19.31 13.50
CA THR A 207 13.92 20.06 12.87
C THR A 207 13.97 19.70 11.39
N PHE A 208 14.11 20.73 10.54
CA PHE A 208 14.18 20.53 9.09
C PHE A 208 15.63 20.44 8.64
N LEU A 209 15.91 19.52 7.71
CA LEU A 209 17.14 19.55 6.90
C LEU A 209 16.73 19.57 5.44
N THR A 210 16.79 20.74 4.83
CA THR A 210 16.48 20.91 3.42
C THR A 210 17.74 20.68 2.59
N ASN A 211 17.57 20.56 1.28
CA ASN A 211 18.69 20.23 0.37
C ASN A 211 19.49 19.04 0.89
N THR A 212 18.78 18.04 1.43
CA THR A 212 19.45 16.90 2.05
C THR A 212 18.78 15.61 1.58
N GLU A 213 19.58 14.60 1.27
CA GLU A 213 19.07 13.27 0.96
C GLU A 213 19.78 12.23 1.81
N ILE A 214 19.11 11.11 2.02
CA ILE A 214 19.70 9.94 2.67
C ILE A 214 20.40 9.11 1.59
N THR A 215 21.65 8.73 1.85
CA THR A 215 22.38 7.87 0.93
C THR A 215 22.52 6.44 1.43
N GLN A 216 22.32 6.20 2.73
CA GLN A 216 22.46 4.88 3.33
C GLN A 216 21.81 4.89 4.70
N ILE A 217 21.18 3.77 5.04
CA ILE A 217 20.59 3.56 6.35
C ILE A 217 21.44 2.51 7.06
N GLU A 218 21.98 2.86 8.21
CA GLU A 218 22.89 1.99 8.95
C GLU A 218 22.09 1.27 10.03
N GLY A 219 22.50 0.04 10.35
CA GLY A 219 21.72 -0.73 11.31
C GLY A 219 22.20 -2.12 11.70
N ASP A 220 22.56 -2.28 12.98
CA ASP A 220 23.18 -3.50 13.51
C ASP A 220 22.25 -4.70 13.31
N PRO A 221 21.11 -4.83 14.04
CA PRO A 221 19.95 -5.47 13.40
C PRO A 221 18.82 -4.46 13.17
N LYS A 222 18.86 -3.35 13.89
CA LYS A 222 17.89 -2.28 13.74
C LYS A 222 18.59 -0.96 13.43
N VAL A 223 17.80 0.00 12.93
CA VAL A 223 18.34 1.26 12.45
C VAL A 223 19.14 1.94 13.55
N THR A 224 20.38 2.33 13.22
CA THR A 224 21.21 3.08 14.14
C THR A 224 21.59 4.47 13.64
N GLY A 225 21.43 4.76 12.35
CA GLY A 225 21.80 6.05 11.83
C GLY A 225 21.53 6.13 10.34
N VAL A 226 21.63 7.34 9.80
CA VAL A 226 21.53 7.56 8.36
C VAL A 226 22.74 8.35 7.90
N ARG A 227 23.22 8.03 6.71
CA ARG A 227 24.23 8.82 6.04
C ARG A 227 23.54 9.84 5.13
N LEU A 228 23.97 11.08 5.22
CA LEU A 228 23.29 12.20 4.58
C LEU A 228 24.18 12.85 3.53
N ARG A 229 23.55 13.52 2.57
CA ARG A 229 24.32 14.26 1.56
C ARG A 229 23.55 15.51 1.20
N ASP A 230 24.25 16.63 1.18
CA ASP A 230 23.68 17.88 0.73
C ASP A 230 23.50 17.80 -0.78
N THR A 231 22.29 18.07 -1.27
CA THR A 231 22.04 17.95 -2.70
C THR A 231 22.60 19.10 -3.51
N VAL A 232 23.10 20.15 -2.88
CA VAL A 232 23.70 21.28 -3.58
C VAL A 232 25.22 21.21 -3.57
N THR A 233 25.80 20.99 -2.39
CA THR A 233 27.23 21.03 -2.21
C THR A 233 27.89 19.66 -2.20
N GLY A 234 27.12 18.60 -2.00
CA GLY A 234 27.68 17.28 -1.87
C GLY A 234 28.27 16.96 -0.51
N GLU A 235 28.24 17.90 0.43
CA GLU A 235 28.72 17.62 1.77
C GLU A 235 28.00 16.42 2.36
N GLU A 236 28.75 15.49 2.92
CA GLU A 236 28.14 14.34 3.60
C GLU A 236 28.44 14.32 5.10
N SER A 237 27.54 13.66 5.83
CA SER A 237 27.67 13.51 7.27
C SER A 237 26.77 12.36 7.69
N LYS A 238 26.82 12.03 8.98
CA LYS A 238 26.05 10.93 9.54
C LYS A 238 25.20 11.44 10.69
N LEU A 239 23.96 10.95 10.76
CA LEU A 239 23.04 11.33 11.82
C LEU A 239 22.67 10.09 12.60
N ASP A 240 22.77 10.15 13.93
CA ASP A 240 22.37 9.02 14.78
C ASP A 240 20.87 9.10 15.00
N VAL A 241 20.15 8.08 14.51
CA VAL A 241 18.70 7.96 14.70
C VAL A 241 18.37 6.48 14.77
N THR A 242 17.24 6.15 15.40
CA THR A 242 16.81 4.76 15.48
C THR A 242 15.53 4.48 14.69
N GLY A 243 15.06 5.44 13.90
CA GLY A 243 13.91 5.20 13.05
C GLY A 243 13.95 6.08 11.83
N VAL A 244 13.46 5.55 10.71
CA VAL A 244 13.40 6.29 9.45
C VAL A 244 12.03 6.05 8.85
N PHE A 245 11.24 7.12 8.71
CA PHE A 245 9.92 7.05 8.12
C PHE A 245 9.98 7.66 6.73
N VAL A 246 9.75 6.83 5.72
CA VAL A 246 9.82 7.27 4.33
C VAL A 246 8.42 7.72 3.95
N ALA A 247 8.29 8.99 3.55
CA ALA A 247 7.00 9.58 3.23
C ALA A 247 7.15 10.38 1.93
N ILE A 248 7.63 9.70 0.89
CA ILE A 248 7.87 10.33 -0.39
C ILE A 248 6.81 9.95 -1.42
N GLY A 249 5.65 9.49 -0.97
CA GLY A 249 4.49 9.30 -1.84
C GLY A 249 4.22 7.83 -2.13
N HIS A 250 3.14 7.62 -2.85
CA HIS A 250 2.69 6.29 -3.23
C HIS A 250 2.39 6.28 -4.72
N ASP A 251 2.54 5.11 -5.34
CA ASP A 251 2.22 4.93 -6.76
C ASP A 251 1.19 3.83 -6.89
N PRO A 252 -0.09 4.17 -7.11
CA PRO A 252 -1.09 3.13 -7.34
C PRO A 252 -0.68 2.25 -8.52
N ARG A 253 -0.92 0.95 -8.37
CA ARG A 253 -0.51 -0.01 -9.40
C ARG A 253 -1.60 -0.12 -10.45
N SER A 254 -1.83 0.99 -11.16
CA SER A 254 -2.87 1.08 -12.17
C SER A 254 -2.33 0.92 -13.60
N GLU A 255 -1.06 0.54 -13.76
CA GLU A 255 -0.45 0.48 -15.09
C GLU A 255 -1.21 -0.48 -16.00
N LEU A 256 -1.65 -1.61 -15.45
CA LEU A 256 -2.37 -2.60 -16.24
C LEU A 256 -3.61 -2.01 -16.92
N VAL A 257 -4.28 -1.08 -16.25
CA VAL A 257 -5.61 -0.67 -16.67
C VAL A 257 -5.65 0.72 -17.24
N ARG A 258 -4.52 1.40 -17.32
CA ARG A 258 -4.49 2.74 -17.88
C ARG A 258 -4.95 2.70 -19.34
N GLY A 259 -5.83 3.62 -19.71
CA GLY A 259 -6.42 3.62 -21.02
C GLY A 259 -7.68 2.78 -21.14
N GLN A 260 -8.03 2.00 -20.12
CA GLN A 260 -9.24 1.19 -20.11
C GLN A 260 -10.21 1.65 -19.02
N VAL A 261 -9.72 1.82 -17.80
CA VAL A 261 -10.49 2.29 -16.66
C VAL A 261 -10.10 3.74 -16.38
N GLU A 262 -11.07 4.56 -15.98
CA GLU A 262 -10.75 5.96 -15.78
C GLU A 262 -9.95 6.10 -14.49
N LEU A 263 -8.89 6.92 -14.54
CA LEU A 263 -8.00 7.13 -13.41
C LEU A 263 -8.04 8.60 -13.02
N ASP A 264 -7.70 8.91 -11.76
CA ASP A 264 -7.52 10.32 -11.44
C ASP A 264 -6.11 10.76 -11.85
N ASP A 265 -5.81 12.06 -11.67
CA ASP A 265 -4.53 12.61 -12.13
C ASP A 265 -3.34 11.99 -11.44
N GLU A 266 -3.53 11.34 -10.30
CA GLU A 266 -2.42 10.66 -9.63
C GLU A 266 -2.38 9.17 -9.93
N GLY A 267 -3.26 8.70 -10.81
CA GLY A 267 -3.26 7.30 -11.20
C GLY A 267 -4.13 6.37 -10.39
N TYR A 268 -4.88 6.85 -9.40
CA TYR A 268 -5.78 5.98 -8.67
C TYR A 268 -7.01 5.67 -9.52
N VAL A 269 -7.50 4.45 -9.41
CA VAL A 269 -8.72 4.06 -10.12
C VAL A 269 -9.92 4.78 -9.51
N LYS A 270 -10.71 5.45 -10.35
CA LYS A 270 -11.91 6.10 -9.86
C LYS A 270 -13.06 5.10 -9.74
N VAL A 271 -13.89 5.31 -8.71
CA VAL A 271 -15.04 4.45 -8.48
C VAL A 271 -16.27 5.32 -8.28
N GLN A 272 -17.44 4.72 -8.47
CA GLN A 272 -18.68 5.47 -8.53
C GLN A 272 -19.25 5.61 -7.11
N GLY A 273 -19.37 6.85 -6.64
CA GLY A 273 -20.00 7.09 -5.36
C GLY A 273 -19.28 6.39 -4.24
N ARG A 274 -20.03 5.74 -3.35
CA ARG A 274 -19.43 4.96 -2.29
C ARG A 274 -19.39 3.47 -2.62
N THR A 275 -19.39 3.11 -3.91
CA THR A 275 -19.32 1.73 -4.37
C THR A 275 -17.91 1.43 -4.91
N THR A 276 -17.72 0.21 -5.43
CA THR A 276 -16.46 -0.17 -6.07
C THR A 276 -16.58 -0.21 -7.59
N TYR A 277 -17.68 0.24 -8.17
CA TYR A 277 -17.84 0.21 -9.62
C TYR A 277 -16.86 1.19 -10.28
N THR A 278 -16.10 0.72 -11.26
CA THR A 278 -15.25 1.59 -12.05
C THR A 278 -16.04 2.18 -13.22
N SER A 279 -15.33 2.83 -14.15
CA SER A 279 -15.94 3.36 -15.36
C SER A 279 -16.30 2.27 -16.36
N LEU A 280 -15.84 1.05 -16.18
CA LEU A 280 -16.10 -0.05 -17.11
C LEU A 280 -17.10 -1.02 -16.49
N ASP A 281 -18.12 -1.37 -17.28
CA ASP A 281 -19.09 -2.36 -16.85
C ASP A 281 -18.42 -3.68 -16.52
N GLY A 282 -18.77 -4.26 -15.38
CA GLY A 282 -18.20 -5.52 -14.99
C GLY A 282 -16.83 -5.44 -14.35
N VAL A 283 -16.33 -4.24 -14.09
CA VAL A 283 -15.00 -4.09 -13.51
C VAL A 283 -15.10 -3.28 -12.23
N PHE A 284 -14.53 -3.83 -11.15
CA PHE A 284 -14.65 -3.28 -9.81
C PHE A 284 -13.25 -3.14 -9.23
N ALA A 285 -13.10 -2.20 -8.31
CA ALA A 285 -11.77 -1.88 -7.80
C ALA A 285 -11.82 -1.63 -6.30
N ALA A 286 -10.80 -2.12 -5.59
CA ALA A 286 -10.82 -2.07 -4.14
C ALA A 286 -9.42 -1.82 -3.62
N GLY A 287 -9.35 -1.38 -2.37
CA GLY A 287 -8.07 -1.26 -1.71
C GLY A 287 -7.32 0.01 -2.09
N ASP A 288 -6.00 -0.05 -1.92
CA ASP A 288 -5.17 1.15 -2.08
C ASP A 288 -4.93 1.51 -3.53
N LEU A 289 -5.35 0.66 -4.47
CA LEU A 289 -5.49 1.07 -5.87
C LEU A 289 -6.47 2.22 -6.03
N VAL A 290 -7.45 2.30 -5.13
CA VAL A 290 -8.51 3.30 -5.16
C VAL A 290 -8.31 4.35 -4.07
N ASP A 291 -8.02 3.90 -2.85
CA ASP A 291 -8.08 4.75 -1.67
C ASP A 291 -6.70 5.40 -1.47
N HIS A 292 -6.64 6.72 -1.60
CA HIS A 292 -5.43 7.47 -1.31
C HIS A 292 -5.54 8.24 0.00
N THR A 293 -6.50 7.88 0.84
CA THR A 293 -6.79 8.62 2.06
C THR A 293 -6.44 7.85 3.32
N TYR A 294 -6.87 6.59 3.44
CA TYR A 294 -6.72 5.86 4.70
C TYR A 294 -5.57 4.87 4.65
N ARG A 295 -5.53 4.00 3.63
CA ARG A 295 -4.38 3.14 3.36
C ARG A 295 -4.02 2.28 4.57
N GLN A 296 -5.01 1.51 5.03
CA GLN A 296 -4.79 0.55 6.11
C GLN A 296 -5.25 -0.83 5.62
N ALA A 297 -4.76 -1.87 6.30
CA ALA A 297 -5.20 -3.22 5.95
C ALA A 297 -6.70 -3.39 6.19
N ILE A 298 -7.22 -2.83 7.28
CA ILE A 298 -8.63 -3.06 7.58
C ILE A 298 -9.53 -2.33 6.60
N THR A 299 -9.13 -1.13 6.15
CA THR A 299 -9.93 -0.45 5.15
C THR A 299 -9.85 -1.14 3.80
N ALA A 300 -8.65 -1.63 3.41
CA ALA A 300 -8.55 -2.39 2.17
C ALA A 300 -9.39 -3.67 2.23
N ALA A 301 -9.34 -4.40 3.34
CA ALA A 301 -10.19 -5.58 3.50
C ALA A 301 -11.67 -5.22 3.37
N GLY A 302 -12.10 -4.15 4.03
CA GLY A 302 -13.50 -3.75 3.90
C GLY A 302 -13.89 -3.48 2.46
N SER A 303 -13.00 -2.82 1.71
CA SER A 303 -13.37 -2.51 0.32
C SER A 303 -13.32 -3.74 -0.56
N GLY A 304 -12.44 -4.71 -0.24
CA GLY A 304 -12.46 -5.96 -0.99
C GLY A 304 -13.75 -6.73 -0.83
N CYS A 305 -14.27 -6.79 0.41
CA CYS A 305 -15.61 -7.34 0.62
C CYS A 305 -16.64 -6.60 -0.22
N ALA A 306 -16.61 -5.27 -0.18
CA ALA A 306 -17.58 -4.50 -0.96
C ALA A 306 -17.48 -4.81 -2.46
N ALA A 307 -16.25 -4.97 -2.97
CA ALA A 307 -16.11 -5.25 -4.39
C ALA A 307 -16.74 -6.60 -4.75
N SER A 308 -16.63 -7.58 -3.86
CA SER A 308 -17.20 -8.87 -4.19
C SER A 308 -18.73 -8.83 -4.10
N ILE A 309 -19.29 -8.07 -3.15
CA ILE A 309 -20.74 -7.92 -3.11
C ILE A 309 -21.24 -7.16 -4.34
N ASP A 310 -20.56 -6.07 -4.72
CA ASP A 310 -20.88 -5.38 -5.96
C ASP A 310 -20.84 -6.34 -7.15
N ALA A 311 -19.74 -7.10 -7.28
CA ALA A 311 -19.60 -8.01 -8.40
C ALA A 311 -20.70 -9.05 -8.41
N GLU A 312 -21.02 -9.62 -7.24
CA GLU A 312 -22.05 -10.65 -7.22
C GLU A 312 -23.40 -10.08 -7.64
N ARG A 313 -23.74 -8.88 -7.16
CA ARG A 313 -25.00 -8.25 -7.54
C ARG A 313 -25.02 -7.91 -9.02
N TRP A 314 -23.90 -7.42 -9.54
CA TRP A 314 -23.83 -7.11 -10.96
C TRP A 314 -23.97 -8.38 -11.79
N LEU A 315 -23.28 -9.45 -11.41
CA LEU A 315 -23.40 -10.72 -12.12
C LEU A 315 -24.84 -11.22 -12.12
N ALA A 316 -25.54 -11.09 -11.00
CA ALA A 316 -26.94 -11.51 -10.93
C ALA A 316 -27.82 -10.73 -11.90
N GLU A 317 -27.47 -9.46 -12.16
CA GLU A 317 -28.22 -8.65 -13.11
C GLU A 317 -28.03 -9.10 -14.55
N GLN A 318 -26.96 -9.84 -14.85
CA GLN A 318 -26.74 -10.31 -16.21
C GLN A 318 -27.59 -11.55 -16.46
PA FAD B . -1.51 -4.43 -1.40
O1A FAD B . -0.50 -3.55 -2.01
O2A FAD B . -1.27 -4.69 0.10
O5B FAD B . -1.61 -5.88 -2.17
C5B FAD B . -1.59 -5.91 -3.53
C4B FAD B . -1.05 -7.31 -3.93
O4B FAD B . -1.48 -7.56 -5.17
C3B FAD B . 0.48 -7.32 -3.94
O3B FAD B . 0.97 -8.51 -3.46
C2B FAD B . 0.75 -7.24 -5.46
O2B FAD B . 2.14 -7.79 -5.65
C1B FAD B . -0.21 -7.96 -6.01
N9A FAD B . -0.35 -7.47 -7.41
C8A FAD B . -0.24 -6.22 -7.82
N7A FAD B . -0.35 -6.19 -9.19
C5A FAD B . -0.50 -7.47 -9.57
C6A FAD B . -0.64 -8.01 -10.82
N6A FAD B . -0.67 -7.39 -12.14
N1A FAD B . -0.81 -9.32 -10.98
C2A FAD B . -0.82 -10.14 -9.90
N3A FAD B . -0.68 -9.61 -8.64
C4A FAD B . -0.52 -8.28 -8.49
N1 FAD B . -1.78 -1.29 7.43
C2 FAD B . -2.41 -1.52 8.73
O2 FAD B . -3.61 -1.42 8.78
N3 FAD B . -1.59 -1.91 9.93
C4 FAD B . -0.17 -2.05 9.83
O4 FAD B . 0.51 -2.35 10.77
C4X FAD B . 0.46 -1.80 8.48
N5 FAD B . 1.90 -1.95 8.35
C5X FAD B . 2.49 -1.70 7.02
C6 FAD B . 3.89 -1.84 6.88
C7 FAD B . 4.44 -1.61 5.61
C7M FAD B . 5.98 -1.79 5.58
C8 FAD B . 3.65 -1.24 4.52
C8M FAD B . 4.26 -1.00 3.13
C9 FAD B . 2.24 -1.11 4.65
C9A FAD B . 1.70 -1.34 5.92
N10 FAD B . 0.20 -1.19 6.06
C10 FAD B . -0.36 -1.44 7.33
C1' FAD B . -0.66 -0.80 4.91
C2' FAD B . -1.45 -1.96 4.44
O2' FAD B . -0.58 -3.01 4.34
C3' FAD B . -2.01 -1.56 3.06
O3' FAD B . -2.80 -0.43 3.22
C4' FAD B . -2.86 -2.71 2.55
O4' FAD B . -2.11 -3.89 2.40
C5' FAD B . -3.42 -2.31 1.17
O5' FAD B . -3.91 -3.55 0.70
P FAD B . -4.36 -3.78 -0.85
O1P FAD B . -4.98 -5.15 -1.04
O2P FAD B . -5.14 -2.66 -1.53
O3P FAD B . -2.96 -3.69 -1.72
PA NAP C . 3.71 14.27 -3.01
O1A NAP C . 2.75 15.43 -2.84
O2A NAP C . 3.86 13.87 -4.45
O5B NAP C . 5.16 14.70 -2.35
C5B NAP C . 6.15 13.71 -2.31
C4B NAP C . 7.43 14.27 -1.64
O4B NAP C . 8.35 13.34 -1.61
C3B NAP C . 7.97 15.43 -2.48
O3B NAP C . 8.34 16.45 -1.65
C2B NAP C . 9.17 14.80 -3.22
O2B NAP C . 10.20 15.85 -3.40
C1B NAP C . 9.63 13.88 -2.42
N9A NAP C . 10.16 12.73 -3.12
C8A NAP C . 9.69 11.90 -4.05
N7A NAP C . 10.63 10.99 -4.32
C5A NAP C . 11.69 11.26 -3.55
C6A NAP C . 12.92 10.65 -3.43
N6A NAP C . 13.36 9.48 -4.17
N1A NAP C . 13.81 11.10 -2.56
C2A NAP C . 13.52 12.19 -1.81
N3A NAP C . 12.32 12.81 -1.93
C4A NAP C . 11.40 12.33 -2.80
O3 NAP C . 3.20 12.97 -2.18
PN NAP C . 2.34 13.01 -0.78
O1N NAP C . 2.24 11.58 -0.29
O2N NAP C . 2.99 13.86 0.29
O5D NAP C . 0.85 13.62 -1.11
C5D NAP C . 0.16 13.14 -2.23
C4D NAP C . -1.29 13.69 -2.15
O4D NAP C . -1.88 13.29 -1.06
C3D NAP C . -1.26 15.23 -2.10
O3D NAP C . -2.24 15.75 -2.87
C2D NAP C . -1.51 15.56 -0.61
O2D NAP C . -2.15 16.90 -0.51
C1D NAP C . -2.32 14.61 -0.23
N1N NAP C . -2.23 14.36 1.19
C2N NAP C . -2.97 15.11 2.03
C3N NAP C . -2.92 14.89 3.41
C7N NAP C . -3.78 15.80 4.30
O7N NAP C . -4.23 15.40 5.32
N7N NAP C . -4.01 17.16 3.85
C4N NAP C . -2.14 13.92 3.91
C5N NAP C . -1.40 13.15 3.07
C6N NAP C . -1.45 13.37 1.70
P2B NAP C . 10.07 16.84 -4.71
O1X NAP C . 9.20 18.02 -4.34
O2X NAP C . 9.50 16.07 -5.85
O3X NAP C . 11.46 17.31 -5.07
C1 GOL D . -8.60 13.94 -11.89
O1 GOL D . -9.87 13.51 -12.31
C2 GOL D . -8.69 14.32 -10.38
O2 GOL D . -9.32 15.55 -10.19
C3 GOL D . -7.22 14.30 -9.88
O3 GOL D . -7.17 14.34 -8.49
C1 GOL E . 9.04 -2.23 14.38
O1 GOL E . 9.97 -1.16 14.44
C2 GOL E . 7.73 -1.68 13.73
O2 GOL E . 7.91 -1.28 12.40
C3 GOL E . 6.73 -2.87 13.81
O3 GOL E . 6.29 -3.11 12.49
S DMS F . -16.42 7.01 -12.78
O DMS F . -17.07 8.04 -11.90
C1 DMS F . -17.67 6.19 -13.80
C2 DMS F . -15.93 5.61 -11.75
S DMS G . 31.48 1.71 4.15
O DMS G . 31.39 2.89 3.24
C1 DMS G . 32.71 1.96 5.46
C2 DMS G . 32.15 0.24 3.34
S DMS H . -26.00 -10.96 -2.12
O DMS H . -26.15 -9.48 -2.21
C1 DMS H . -26.96 -11.59 -0.71
C2 DMS H . -24.30 -11.35 -1.62
C1 GOL I . 9.07 -8.85 7.48
O1 GOL I . 7.94 -8.74 6.68
C2 GOL I . 10.06 -7.69 7.18
O2 GOL I . 10.56 -7.17 8.36
C3 GOL I . 11.21 -8.27 6.26
O3 GOL I . 11.03 -9.68 6.10
MG MG J . 3.66 -6.37 -1.80
#